data_6WOR
#
_entry.id   6WOR
#
_cell.length_a   65.639
_cell.length_b   80.966
_cell.length_c   181.010
_cell.angle_alpha   90.000
_cell.angle_beta   90.000
_cell.angle_gamma   90.000
#
_symmetry.space_group_name_H-M   'C 2 2 21'
#
loop_
_entity.id
_entity.type
_entity.pdbx_description
1 polymer 'Fab HC1AM heavy chain'
2 polymer 'Fab HC1AM light chain'
3 water water
#
loop_
_entity_poly.entity_id
_entity_poly.type
_entity_poly.pdbx_seq_one_letter_code
_entity_poly.pdbx_strand_id
1 'polypeptide(L)'
;QLQLVQSGAEVRKPGSSVKVSCKASGGTYNGEVISWVRQAPGEGLEWLGVFIPMFGIADYAQKFHGRVTISADRTTSTTY
MELSSLRSEDTAIYYCAKVLQVGRNLVVRPLDLWGQGTLVTVSSASTKGPSVFPLAPSSKSTSGGTAALGCLVKDYFPEP
VTVSWNSGALTSGVHTFPAVLQSSGLYSLSSVVTVPSSSLGTQTYICNVNHKPSNTKVDKKVEPKSCGS
;
H
2 'polypeptide(L)'
;EIVLTQSPGILSLSPGERATLSCRASRTISRTHLAWYQQKPGQAPRLLIYGVSSRAIGIPDRFSGSGSGADFTLTISRLE
PEDFAVYYCHQYGNSPQTFGQGTKLEIKRTVAAPSVFIFPPSDEQLKSGTASVVCLLNNFYPREAKVQWKVDNALQSGNS
QESVTEQDSKDSTYSLSSTLTLSKADYEKHKVYACEVTHQGLSSPVTKSFNRGEC
;
L
#
# COMPACT_ATOMS: atom_id res chain seq x y z
N LEU A 2 20.51 -15.75 13.01
CA LEU A 2 20.39 -14.91 11.82
C LEU A 2 18.99 -14.34 11.67
N GLN A 3 18.16 -14.97 10.84
CA GLN A 3 16.89 -14.39 10.44
C GLN A 3 15.80 -15.44 10.41
N LEU A 4 14.60 -15.01 10.06
CA LEU A 4 13.46 -15.88 9.79
C LEU A 4 13.16 -15.83 8.29
N VAL A 5 13.07 -17.00 7.67
CA VAL A 5 12.78 -17.12 6.25
C VAL A 5 11.41 -17.78 6.10
N GLN A 6 10.58 -17.21 5.23
CA GLN A 6 9.24 -17.73 4.97
C GLN A 6 9.17 -18.31 3.57
N SER A 7 8.15 -19.15 3.36
CA SER A 7 7.92 -19.76 2.05
C SER A 7 7.44 -18.70 1.06
N GLY A 8 7.43 -19.09 -0.22
CA GLY A 8 7.12 -18.15 -1.28
C GLY A 8 5.64 -17.80 -1.35
N ALA A 9 5.33 -16.87 -2.25
CA ALA A 9 3.94 -16.42 -2.40
C ALA A 9 3.06 -17.55 -2.90
N GLU A 10 1.76 -17.46 -2.60
CA GLU A 10 0.81 -18.53 -2.89
C GLU A 10 -0.48 -17.96 -3.44
N VAL A 11 -1.04 -18.64 -4.43
CA VAL A 11 -2.37 -18.36 -4.95
C VAL A 11 -3.26 -19.56 -4.64
N ARG A 12 -4.41 -19.29 -4.01
CA ARG A 12 -5.35 -20.33 -3.62
C ARG A 12 -6.75 -19.94 -4.06
N LYS A 13 -7.59 -20.94 -4.26
CA LYS A 13 -8.98 -20.72 -4.61
C LYS A 13 -9.84 -20.70 -3.35
N PRO A 14 -11.03 -20.10 -3.41
CA PRO A 14 -11.88 -20.05 -2.20
C PRO A 14 -12.19 -21.44 -1.67
N GLY A 15 -12.09 -21.60 -0.36
CA GLY A 15 -12.41 -22.83 0.31
C GLY A 15 -11.27 -23.79 0.53
N SER A 16 -10.11 -23.56 -0.10
CA SER A 16 -8.97 -24.44 0.03
C SER A 16 -8.12 -24.03 1.23
N SER A 17 -6.95 -24.65 1.39
CA SER A 17 -6.06 -24.40 2.52
C SER A 17 -4.69 -23.97 2.03
N VAL A 18 -4.01 -23.16 2.84
CA VAL A 18 -2.64 -22.74 2.57
C VAL A 18 -1.79 -23.04 3.80
N LYS A 19 -0.58 -23.55 3.56
CA LYS A 19 0.40 -23.80 4.62
C LYS A 19 1.62 -22.94 4.35
N VAL A 20 1.90 -22.01 5.26
CA VAL A 20 3.05 -21.11 5.15
C VAL A 20 4.09 -21.53 6.16
N SER A 21 5.34 -21.67 5.71
CA SER A 21 6.45 -22.09 6.55
C SER A 21 7.27 -20.88 7.01
N CYS A 22 8.00 -21.09 8.10
CA CYS A 22 8.84 -20.04 8.69
C CYS A 22 9.98 -20.77 9.41
N LYS A 23 11.14 -20.83 8.78
CA LYS A 23 12.27 -21.53 9.37
C LYS A 23 13.15 -20.54 10.12
N ALA A 24 13.63 -20.97 11.28
CA ALA A 24 14.56 -20.16 12.05
C ALA A 24 15.98 -20.44 11.60
N SER A 25 16.88 -19.53 11.93
CA SER A 25 18.29 -19.67 11.56
C SER A 25 18.90 -20.93 12.16
N GLU A 32 11.57 -19.10 22.76
CA GLU A 32 10.74 -17.91 22.57
C GLU A 32 9.54 -18.23 21.68
N VAL A 33 8.46 -17.46 21.86
CA VAL A 33 7.25 -17.69 21.09
C VAL A 33 7.45 -17.22 19.65
N ILE A 34 6.69 -17.83 18.74
CA ILE A 34 6.66 -17.43 17.33
C ILE A 34 5.25 -16.97 17.02
N SER A 35 5.10 -15.70 16.67
CA SER A 35 3.80 -15.11 16.43
C SER A 35 3.53 -15.03 14.93
N TRP A 36 2.28 -15.32 14.55
CA TRP A 36 1.82 -15.25 13.17
C TRP A 36 0.77 -14.16 13.08
N VAL A 37 1.06 -13.13 12.28
CA VAL A 37 0.15 -12.03 12.04
C VAL A 37 -0.02 -11.88 10.53
N ARG A 38 -1.03 -11.12 10.13
CA ARG A 38 -1.30 -10.90 8.71
C ARG A 38 -1.73 -9.46 8.50
N GLN A 39 -1.64 -9.02 7.25
CA GLN A 39 -2.00 -7.65 6.89
C GLN A 39 -2.59 -7.67 5.49
N ALA A 40 -3.86 -7.28 5.38
CA ALA A 40 -4.49 -7.14 4.08
C ALA A 40 -3.97 -5.87 3.40
N PRO A 41 -4.00 -5.82 2.06
CA PRO A 41 -3.45 -4.65 1.35
C PRO A 41 -4.15 -3.36 1.77
N GLY A 42 -3.35 -2.40 2.26
CA GLY A 42 -3.91 -1.14 2.73
C GLY A 42 -4.66 -1.24 4.02
N GLU A 43 -4.39 -2.25 4.84
CA GLU A 43 -5.08 -2.48 6.11
C GLU A 43 -4.06 -2.54 7.25
N GLY A 44 -4.57 -2.64 8.46
CA GLY A 44 -3.73 -2.70 9.64
C GLY A 44 -3.26 -4.11 9.92
N LEU A 45 -2.67 -4.28 11.09
CA LEU A 45 -2.13 -5.57 11.50
C LEU A 45 -3.18 -6.41 12.22
N GLU A 46 -3.24 -7.69 11.88
CA GLU A 46 -4.20 -8.62 12.45
C GLU A 46 -3.45 -9.85 12.96
N TRP A 47 -3.61 -10.14 14.25
CA TRP A 47 -2.92 -11.24 14.90
C TRP A 47 -3.67 -12.55 14.66
N LEU A 48 -3.03 -13.49 13.98
CA LEU A 48 -3.59 -14.81 13.76
C LEU A 48 -3.38 -15.71 14.98
N GLY A 49 -2.14 -15.87 15.41
CA GLY A 49 -1.89 -16.77 16.53
C GLY A 49 -0.45 -16.70 16.99
N VAL A 50 -0.11 -17.63 17.89
CA VAL A 50 1.23 -17.73 18.43
C VAL A 50 1.49 -19.18 18.82
N PHE A 51 2.76 -19.58 18.76
CA PHE A 51 3.16 -20.95 19.12
C PHE A 51 4.51 -20.88 19.84
N ILE A 52 4.54 -21.37 21.06
CA ILE A 52 5.76 -21.47 21.85
C ILE A 52 6.17 -22.96 21.90
N PRO A 53 7.41 -23.30 21.56
CA PRO A 53 7.80 -24.72 21.56
C PRO A 53 7.98 -25.31 22.95
N MET A 54 8.01 -24.49 24.00
CA MET A 54 8.16 -25.02 25.35
C MET A 54 7.00 -25.94 25.71
N PHE A 55 5.77 -25.42 25.65
CA PHE A 55 4.60 -26.25 25.87
C PHE A 55 4.34 -27.18 24.68
N GLY A 56 4.54 -26.67 23.46
CA GLY A 56 4.13 -27.39 22.28
C GLY A 56 2.69 -27.16 21.88
N ILE A 57 2.00 -26.23 22.53
CA ILE A 57 0.62 -25.89 22.23
C ILE A 57 0.57 -24.45 21.75
N ALA A 58 -0.22 -24.21 20.72
CA ALA A 58 -0.39 -22.87 20.15
C ALA A 58 -1.69 -22.25 20.64
N ASP A 59 -1.72 -20.92 20.62
CA ASP A 59 -2.92 -20.15 20.94
C ASP A 59 -3.36 -19.37 19.71
N TYR A 60 -4.68 -19.32 19.50
CA TYR A 60 -5.25 -18.73 18.30
C TYR A 60 -6.16 -17.57 18.67
N ALA A 61 -6.66 -16.91 17.64
CA ALA A 61 -7.68 -15.87 17.80
C ALA A 61 -9.06 -16.50 17.56
N GLN A 62 -10.05 -16.00 18.30
CA GLN A 62 -11.41 -16.56 18.19
C GLN A 62 -11.97 -16.42 16.78
N LYS A 63 -11.50 -15.43 16.03
CA LYS A 63 -11.95 -15.28 14.65
C LYS A 63 -11.51 -16.46 13.79
N PHE A 64 -10.27 -16.90 13.95
CA PHE A 64 -9.70 -17.98 13.14
C PHE A 64 -9.65 -19.31 13.87
N HIS A 65 -10.20 -19.39 15.10
CA HIS A 65 -10.01 -20.58 15.93
C HIS A 65 -10.44 -21.86 15.22
N GLY A 66 -11.47 -21.77 14.38
CA GLY A 66 -11.97 -22.98 13.74
C GLY A 66 -11.06 -23.54 12.66
N ARG A 67 -10.33 -22.66 11.96
CA ARG A 67 -9.68 -23.05 10.72
C ARG A 67 -8.17 -22.75 10.67
N VAL A 68 -7.55 -22.35 11.78
CA VAL A 68 -6.12 -22.10 11.80
C VAL A 68 -5.45 -23.20 12.61
N THR A 69 -4.28 -23.65 12.13
CA THR A 69 -3.47 -24.62 12.86
C THR A 69 -2.00 -24.19 12.77
N ILE A 70 -1.38 -23.96 13.93
CA ILE A 70 0.04 -23.59 13.99
C ILE A 70 0.79 -24.74 14.64
N SER A 71 1.88 -25.17 14.02
CA SER A 71 2.64 -26.31 14.50
C SER A 71 4.11 -26.12 14.14
N ALA A 72 4.91 -27.17 14.36
CA ALA A 72 6.33 -27.12 14.01
C ALA A 72 6.84 -28.51 13.63
N THR A 76 13.90 -30.48 12.45
CA THR A 76 14.12 -29.24 11.71
C THR A 76 13.48 -28.06 12.44
N SER A 77 14.14 -26.91 12.39
CA SER A 77 13.66 -25.69 13.05
C SER A 77 12.78 -24.94 12.05
N THR A 78 11.50 -25.27 12.05
CA THR A 78 10.54 -24.65 11.13
C THR A 78 9.16 -24.69 11.75
N THR A 79 8.47 -23.55 11.78
CA THR A 79 7.10 -23.47 12.24
C THR A 79 6.16 -23.25 11.05
N TYR A 80 5.00 -23.89 11.10
CA TYR A 80 4.03 -23.85 10.01
C TYR A 80 2.72 -23.26 10.49
N MET A 81 2.09 -22.46 9.62
CA MET A 81 0.77 -21.89 9.86
C MET A 81 -0.13 -22.30 8.70
N GLU A 82 -1.20 -23.03 9.00
CA GLU A 82 -2.12 -23.53 8.00
C GLU A 82 -3.48 -22.87 8.20
N LEU A 83 -3.96 -22.20 7.15
CA LEU A 83 -5.26 -21.54 7.15
C LEU A 83 -6.17 -22.31 6.19
N SER A 84 -7.31 -22.77 6.69
CA SER A 84 -8.24 -23.59 5.93
C SER A 84 -9.51 -22.80 5.62
N SER A 85 -10.28 -23.34 4.67
CA SER A 85 -11.49 -22.69 4.16
C SER A 85 -11.21 -21.24 3.80
N LEU A 86 -10.24 -21.05 2.91
CA LEU A 86 -9.80 -19.72 2.54
C LEU A 86 -10.90 -18.95 1.81
N ARG A 87 -11.05 -17.68 2.18
CA ARG A 87 -11.98 -16.75 1.55
C ARG A 87 -11.21 -15.54 1.05
N SER A 88 -11.88 -14.71 0.26
CA SER A 88 -11.22 -13.54 -0.32
C SER A 88 -10.69 -12.60 0.76
N GLU A 89 -11.34 -12.58 1.94
CA GLU A 89 -10.87 -11.73 3.03
C GLU A 89 -9.48 -12.11 3.50
N ASP A 90 -9.03 -13.34 3.25
CA ASP A 90 -7.73 -13.80 3.72
C ASP A 90 -6.60 -13.46 2.77
N THR A 91 -6.88 -12.77 1.66
CA THR A 91 -5.83 -12.28 0.78
C THR A 91 -5.00 -11.25 1.54
N ALA A 92 -3.76 -11.58 1.86
CA ALA A 92 -2.97 -10.72 2.74
C ALA A 92 -1.50 -11.16 2.69
N ILE A 93 -0.64 -10.32 3.26
CA ILE A 93 0.75 -10.70 3.51
C ILE A 93 0.84 -11.24 4.93
N TYR A 94 1.41 -12.43 5.07
CA TYR A 94 1.49 -13.13 6.35
C TYR A 94 2.92 -13.12 6.86
N TYR A 95 3.10 -12.66 8.10
CA TYR A 95 4.41 -12.56 8.73
C TYR A 95 4.48 -13.49 9.94
N CYS A 96 5.64 -14.12 10.11
CA CYS A 96 6.04 -14.72 11.37
C CYS A 96 7.06 -13.80 12.04
N ALA A 97 7.06 -13.83 13.38
CA ALA A 97 7.92 -12.92 14.12
C ALA A 97 8.34 -13.55 15.44
N LYS A 98 9.56 -13.25 15.86
CA LYS A 98 10.07 -13.65 17.16
C LYS A 98 10.54 -12.41 17.91
N VAL A 99 10.10 -12.26 19.15
CA VAL A 99 10.52 -11.14 19.99
C VAL A 99 11.47 -11.70 21.05
N LEU A 100 12.77 -11.54 20.79
CA LEU A 100 13.82 -12.05 21.67
C LEU A 100 14.39 -10.93 22.54
N GLN A 101 14.82 -11.31 23.74
CA GLN A 101 15.40 -10.35 24.68
C GLN A 101 16.92 -10.47 24.63
N VAL A 102 17.59 -9.34 24.42
CA VAL A 102 19.03 -9.29 24.34
C VAL A 102 19.58 -8.67 25.63
N GLY A 103 20.83 -9.01 25.93
CA GLY A 103 21.49 -8.49 27.11
C GLY A 103 22.85 -7.89 26.83
N ARG A 104 22.97 -6.58 27.05
CA ARG A 104 24.23 -5.87 26.91
C ARG A 104 24.16 -4.63 27.78
N ASN A 105 25.28 -4.26 28.38
CA ASN A 105 25.35 -3.19 29.37
C ASN A 105 24.43 -3.46 30.56
N LEU A 106 24.12 -4.74 30.80
CA LEU A 106 23.20 -5.15 31.86
C LEU A 106 21.82 -4.53 31.68
N VAL A 107 21.34 -4.49 30.44
CA VAL A 107 20.03 -3.97 30.10
C VAL A 107 19.33 -4.97 29.18
N VAL A 108 18.04 -5.20 29.42
CA VAL A 108 17.26 -6.11 28.60
C VAL A 108 15.98 -5.43 28.12
N PRO A 110 12.58 -6.72 23.44
CA PRO A 110 13.61 -5.79 23.00
C PRO A 110 13.99 -5.91 21.52
N LEU A 111 14.43 -7.09 21.07
CA LEU A 111 14.79 -7.28 19.68
C LEU A 111 13.67 -8.02 18.96
N ASP A 112 13.35 -7.57 17.76
CA ASP A 112 12.29 -8.16 16.95
C ASP A 112 12.90 -8.72 15.67
N LEU A 113 12.51 -9.95 15.33
CA LEU A 113 12.93 -10.60 14.09
C LEU A 113 11.68 -10.92 13.28
N TRP A 114 11.69 -10.55 12.00
CA TRP A 114 10.55 -10.75 11.12
C TRP A 114 10.98 -11.56 9.90
N GLY A 115 10.06 -12.39 9.41
CA GLY A 115 10.21 -12.95 8.09
C GLY A 115 9.90 -11.93 7.02
N GLN A 116 10.35 -12.22 5.79
CA GLN A 116 10.14 -11.30 4.69
C GLN A 116 8.66 -11.14 4.33
N GLY A 117 7.80 -12.01 4.83
CA GLY A 117 6.39 -11.97 4.50
C GLY A 117 6.05 -12.90 3.36
N THR A 118 4.83 -13.43 3.38
CA THR A 118 4.34 -14.34 2.36
C THR A 118 3.00 -13.81 1.84
N LEU A 119 2.98 -13.41 0.58
CA LEU A 119 1.73 -12.96 -0.01
C LEU A 119 0.86 -14.17 -0.33
N VAL A 120 -0.39 -14.15 0.16
CA VAL A 120 -1.35 -15.20 -0.12
C VAL A 120 -2.57 -14.54 -0.75
N THR A 121 -2.91 -14.96 -1.97
CA THR A 121 -4.02 -14.39 -2.72
C THR A 121 -5.08 -15.46 -2.89
N VAL A 122 -6.27 -15.21 -2.33
CA VAL A 122 -7.42 -16.10 -2.46
C VAL A 122 -8.32 -15.54 -3.55
N SER A 123 -8.45 -16.27 -4.65
CA SER A 123 -9.22 -15.77 -5.78
C SER A 123 -9.54 -16.92 -6.72
N SER A 124 -10.69 -16.80 -7.41
CA SER A 124 -11.02 -17.73 -8.48
C SER A 124 -10.22 -17.43 -9.75
N ALA A 125 -9.57 -16.27 -9.81
CA ALA A 125 -8.84 -15.87 -11.00
C ALA A 125 -7.67 -16.80 -11.29
N SER A 126 -7.32 -16.91 -12.57
CA SER A 126 -6.17 -17.67 -13.01
C SER A 126 -5.03 -16.73 -13.38
N THR A 127 -3.80 -17.20 -13.18
CA THR A 127 -2.63 -16.37 -13.43
C THR A 127 -2.59 -15.91 -14.88
N LYS A 128 -2.35 -14.61 -15.08
CA LYS A 128 -2.39 -14.02 -16.41
C LYS A 128 -1.45 -12.81 -16.46
N GLY A 129 -0.66 -12.72 -17.51
CA GLY A 129 0.19 -11.57 -17.74
C GLY A 129 -0.62 -10.36 -18.12
N PRO A 130 -0.07 -9.17 -17.92
CA PRO A 130 -0.81 -7.94 -18.20
C PRO A 130 -0.67 -7.49 -19.66
N SER A 131 -1.53 -6.54 -20.02
CA SER A 131 -1.39 -5.80 -21.27
C SER A 131 -0.89 -4.40 -20.93
N VAL A 132 0.12 -3.94 -21.65
CA VAL A 132 0.76 -2.66 -21.37
C VAL A 132 0.36 -1.71 -22.49
N PHE A 133 -0.61 -0.84 -22.20
CA PHE A 133 -1.04 0.16 -23.16
C PHE A 133 -0.37 1.49 -22.87
N PRO A 134 -0.18 2.35 -23.87
CA PRO A 134 0.44 3.66 -23.60
C PRO A 134 -0.59 4.72 -23.21
N LEU A 135 -0.21 5.50 -22.19
CA LEU A 135 -0.92 6.74 -21.85
C LEU A 135 -0.14 7.85 -22.55
N ALA A 136 -0.52 8.11 -23.79
CA ALA A 136 0.29 8.95 -24.66
C ALA A 136 0.13 10.42 -24.27
N PRO A 137 1.21 11.20 -24.36
CA PRO A 137 1.10 12.63 -24.07
C PRO A 137 0.44 13.38 -25.22
N SER A 138 -0.18 14.51 -24.88
CA SER A 138 -0.90 15.32 -25.84
C SER A 138 -0.98 16.74 -25.31
N SER A 139 -1.70 17.60 -26.05
CA SER A 139 -1.99 18.93 -25.55
C SER A 139 -2.90 18.90 -24.34
N LYS A 140 -3.66 17.82 -24.15
CA LYS A 140 -4.51 17.64 -22.98
C LYS A 140 -3.74 17.07 -21.79
N SER A 141 -2.46 16.74 -21.95
CA SER A 141 -1.64 16.23 -20.86
C SER A 141 -0.37 17.05 -20.68
N THR A 142 -0.41 18.33 -21.05
CA THR A 142 0.69 19.25 -20.82
C THR A 142 0.14 20.52 -20.18
N SER A 143 0.78 20.95 -19.09
CA SER A 143 0.38 22.17 -18.41
C SER A 143 1.09 23.36 -19.05
N GLY A 144 2.28 23.68 -18.55
CA GLY A 144 3.13 24.68 -19.16
C GLY A 144 4.12 24.05 -20.12
N GLY A 145 5.36 23.88 -19.66
CA GLY A 145 6.39 23.21 -20.43
C GLY A 145 6.62 21.77 -20.05
N THR A 146 5.81 21.22 -19.16
CA THR A 146 5.94 19.83 -18.71
C THR A 146 4.74 19.03 -19.19
N ALA A 147 5.02 17.91 -19.84
CA ALA A 147 3.99 16.97 -20.29
C ALA A 147 4.04 15.71 -19.43
N ALA A 148 2.92 14.98 -19.42
CA ALA A 148 2.82 13.73 -18.69
C ALA A 148 2.56 12.58 -19.65
N LEU A 149 3.13 11.42 -19.33
CA LEU A 149 2.97 10.24 -20.17
C LEU A 149 3.17 9.00 -19.31
N GLY A 150 2.56 7.90 -19.71
CA GLY A 150 2.65 6.73 -18.87
C GLY A 150 2.31 5.42 -19.54
N CYS A 151 2.06 4.43 -18.69
CA CYS A 151 1.77 3.06 -19.09
C CYS A 151 0.63 2.51 -18.24
N LEU A 152 -0.36 1.94 -18.89
CA LEU A 152 -1.48 1.25 -18.22
C LEU A 152 -1.19 -0.25 -18.27
N VAL A 153 -0.90 -0.83 -17.11
CA VAL A 153 -0.62 -2.25 -16.96
C VAL A 153 -1.93 -2.88 -16.50
N LYS A 154 -2.69 -3.44 -17.42
CA LYS A 154 -4.08 -3.83 -17.17
C LYS A 154 -4.24 -5.34 -17.22
N ASP A 155 -5.16 -5.85 -16.39
CA ASP A 155 -5.68 -7.21 -16.49
C ASP A 155 -4.58 -8.26 -16.29
N TYR A 156 -3.93 -8.19 -15.12
CA TYR A 156 -2.96 -9.19 -14.71
C TYR A 156 -3.39 -9.81 -13.40
N PHE A 157 -2.83 -10.99 -13.11
CA PHE A 157 -3.08 -11.68 -11.85
C PHE A 157 -1.99 -12.70 -11.63
N PRO A 158 -1.47 -12.84 -10.40
CA PRO A 158 -1.85 -11.98 -9.28
C PRO A 158 -0.86 -10.85 -9.06
N GLU A 159 -1.00 -10.15 -7.94
CA GLU A 159 0.04 -9.24 -7.48
C GLU A 159 1.33 -10.03 -7.30
N PRO A 160 2.50 -9.41 -7.47
CA PRO A 160 2.74 -8.01 -7.85
C PRO A 160 3.27 -7.80 -9.27
N VAL A 161 3.48 -6.53 -9.62
CA VAL A 161 4.11 -6.15 -10.89
C VAL A 161 5.04 -4.97 -10.61
N THR A 162 6.19 -4.98 -11.27
CA THR A 162 7.17 -3.89 -11.13
C THR A 162 7.28 -3.11 -12.43
N VAL A 163 7.44 -1.80 -12.29
CA VAL A 163 7.57 -0.90 -13.43
C VAL A 163 8.77 0.00 -13.20
N SER A 164 9.61 0.13 -14.22
CA SER A 164 10.67 1.14 -14.26
C SER A 164 10.53 1.94 -15.55
N TRP A 165 11.35 2.97 -15.69
CA TRP A 165 11.36 3.80 -16.90
C TRP A 165 12.78 3.93 -17.43
N ASN A 166 12.95 3.60 -18.71
CA ASN A 166 14.24 3.70 -19.40
C ASN A 166 15.31 2.88 -18.68
N SER A 167 14.97 1.63 -18.36
CA SER A 167 15.88 0.70 -17.69
C SER A 167 16.41 1.29 -16.39
N GLY A 168 15.60 2.12 -15.72
CA GLY A 168 16.00 2.75 -14.49
C GLY A 168 16.65 4.11 -14.63
N ALA A 169 16.93 4.55 -15.86
CA ALA A 169 17.59 5.83 -16.05
C ALA A 169 16.69 7.01 -15.73
N LEU A 170 15.37 6.81 -15.71
CA LEU A 170 14.39 7.87 -15.45
C LEU A 170 13.69 7.55 -14.14
N THR A 171 14.04 8.30 -13.09
CA THR A 171 13.49 8.05 -11.75
C THR A 171 12.74 9.24 -11.16
N SER A 172 13.17 10.47 -11.44
CA SER A 172 12.49 11.65 -10.91
C SER A 172 11.24 11.94 -11.70
N GLY A 173 10.22 12.44 -10.99
CA GLY A 173 8.93 12.67 -11.63
C GLY A 173 8.16 11.42 -11.97
N VAL A 174 8.57 10.26 -11.44
CA VAL A 174 7.91 8.99 -11.71
C VAL A 174 6.91 8.71 -10.60
N HIS A 175 5.73 8.23 -10.97
CA HIS A 175 4.71 7.83 -10.01
C HIS A 175 4.08 6.54 -10.49
N THR A 176 4.42 5.42 -9.84
CA THR A 176 3.78 4.14 -10.09
C THR A 176 2.73 3.93 -9.01
N PHE A 177 1.46 3.97 -9.41
CA PHE A 177 0.36 3.93 -8.46
C PHE A 177 0.09 2.50 -7.98
N PRO A 178 -0.47 2.36 -6.78
CA PRO A 178 -0.93 1.05 -6.34
C PRO A 178 -1.99 0.51 -7.28
N ALA A 179 -1.95 -0.80 -7.50
CA ALA A 179 -2.94 -1.43 -8.37
C ALA A 179 -4.32 -1.37 -7.73
N VAL A 180 -5.34 -1.48 -8.58
CA VAL A 180 -6.72 -1.64 -8.13
C VAL A 180 -7.18 -3.02 -8.54
N LEU A 181 -8.09 -3.58 -7.75
CA LEU A 181 -8.71 -4.87 -8.06
C LEU A 181 -10.02 -4.58 -8.78
N GLN A 182 -10.05 -4.87 -10.08
CA GLN A 182 -11.25 -4.65 -10.87
C GLN A 182 -12.32 -5.69 -10.53
N SER A 183 -13.55 -5.41 -10.96
CA SER A 183 -14.67 -6.30 -10.69
C SER A 183 -14.51 -7.67 -11.35
N SER A 184 -13.55 -7.82 -12.26
CA SER A 184 -13.29 -9.09 -12.92
C SER A 184 -12.31 -9.95 -12.15
N GLY A 185 -11.79 -9.48 -11.02
CA GLY A 185 -10.79 -10.23 -10.28
C GLY A 185 -9.38 -10.08 -10.81
N LEU A 186 -9.18 -9.21 -11.79
CA LEU A 186 -7.86 -8.94 -12.37
C LEU A 186 -7.39 -7.56 -11.93
N TYR A 187 -6.09 -7.43 -11.72
CA TYR A 187 -5.50 -6.20 -11.23
C TYR A 187 -5.16 -5.25 -12.39
N SER A 188 -5.20 -3.96 -12.09
CA SER A 188 -4.81 -2.94 -13.05
C SER A 188 -4.03 -1.83 -12.33
N LEU A 189 -2.99 -1.34 -12.99
CA LEU A 189 -2.05 -0.39 -12.42
C LEU A 189 -1.70 0.64 -13.48
N SER A 190 -1.22 1.80 -13.04
CA SER A 190 -0.74 2.83 -13.95
C SER A 190 0.58 3.37 -13.43
N SER A 191 1.49 3.66 -14.37
CA SER A 191 2.78 4.26 -14.03
C SER A 191 3.00 5.46 -14.94
N VAL A 192 3.09 6.65 -14.34
CA VAL A 192 3.18 7.88 -15.10
C VAL A 192 4.50 8.58 -14.80
N VAL A 193 4.85 9.52 -15.66
CA VAL A 193 6.06 10.32 -15.50
C VAL A 193 5.85 11.65 -16.22
N THR A 194 6.36 12.72 -15.61
CA THR A 194 6.32 14.04 -16.19
C THR A 194 7.70 14.40 -16.72
N VAL A 195 7.76 14.86 -17.97
CA VAL A 195 9.00 15.20 -18.63
C VAL A 195 8.84 16.60 -19.22
N PRO A 196 9.91 17.25 -19.69
CA PRO A 196 9.73 18.52 -20.41
C PRO A 196 8.99 18.29 -21.72
N SER A 197 8.02 19.17 -22.00
CA SER A 197 7.20 19.00 -23.20
C SER A 197 8.01 19.09 -24.47
N SER A 198 9.13 19.83 -24.45
CA SER A 198 9.96 19.98 -25.63
C SER A 198 10.70 18.70 -26.01
N SER A 199 10.66 17.68 -25.15
CA SER A 199 11.39 16.43 -25.37
C SER A 199 10.53 15.33 -25.98
N LEU A 200 9.22 15.58 -26.17
CA LEU A 200 8.32 14.52 -26.63
C LEU A 200 8.73 13.96 -27.99
N GLY A 201 9.38 14.78 -28.82
CA GLY A 201 9.76 14.31 -30.14
C GLY A 201 11.23 13.91 -30.24
N THR A 202 12.03 14.32 -29.27
CA THR A 202 13.47 14.10 -29.32
C THR A 202 13.98 13.05 -28.35
N GLN A 203 13.22 12.74 -27.30
CA GLN A 203 13.66 11.77 -26.29
C GLN A 203 12.70 10.59 -26.27
N THR A 204 13.26 9.38 -26.27
CA THR A 204 12.50 8.14 -26.25
C THR A 204 12.19 7.75 -24.81
N TYR A 205 10.93 7.43 -24.53
CA TYR A 205 10.48 7.04 -23.20
C TYR A 205 9.88 5.64 -23.28
N ILE A 206 10.40 4.72 -22.46
CA ILE A 206 9.99 3.33 -22.44
C ILE A 206 9.74 2.91 -21.01
N CYS A 207 8.57 2.30 -20.77
CA CYS A 207 8.26 1.70 -19.48
C CYS A 207 8.58 0.21 -19.54
N ASN A 208 9.25 -0.29 -18.50
CA ASN A 208 9.66 -1.68 -18.41
C ASN A 208 8.81 -2.34 -17.33
N VAL A 209 7.99 -3.30 -17.74
CA VAL A 209 7.00 -3.94 -16.89
C VAL A 209 7.39 -5.41 -16.71
N ASN A 210 7.46 -5.85 -15.45
CA ASN A 210 7.78 -7.23 -15.13
C ASN A 210 6.70 -7.77 -14.20
N HIS A 211 6.04 -8.84 -14.64
CA HIS A 211 5.06 -9.57 -13.84
C HIS A 211 5.63 -10.98 -13.68
N LYS A 212 6.42 -11.15 -12.62
CA LYS A 212 7.09 -12.42 -12.39
C LYS A 212 6.14 -13.61 -12.20
N PRO A 213 4.99 -13.48 -11.50
CA PRO A 213 4.09 -14.64 -11.37
C PRO A 213 3.74 -15.31 -12.69
N SER A 214 3.46 -14.54 -13.74
CA SER A 214 3.23 -15.10 -15.06
C SER A 214 4.47 -15.08 -15.92
N ASN A 215 5.59 -14.59 -15.40
CA ASN A 215 6.83 -14.45 -16.16
C ASN A 215 6.60 -13.66 -17.45
N THR A 216 5.92 -12.52 -17.32
CA THR A 216 5.62 -11.64 -18.44
C THR A 216 6.46 -10.39 -18.35
N LYS A 217 7.25 -10.12 -19.38
CA LYS A 217 8.07 -8.91 -19.43
C LYS A 217 7.75 -8.14 -20.69
N VAL A 218 7.49 -6.84 -20.55
CA VAL A 218 7.12 -5.99 -21.67
C VAL A 218 7.89 -4.68 -21.58
N ASP A 219 8.41 -4.21 -22.71
CA ASP A 219 8.99 -2.88 -22.83
C ASP A 219 8.13 -2.09 -23.79
N LYS A 220 7.53 -1.00 -23.30
CA LYS A 220 6.55 -0.22 -24.06
C LYS A 220 7.08 1.18 -24.29
N LYS A 221 7.27 1.54 -25.57
CA LYS A 221 7.63 2.90 -25.94
C LYS A 221 6.38 3.76 -25.99
N VAL A 222 6.42 4.90 -25.30
CA VAL A 222 5.27 5.79 -25.18
C VAL A 222 5.57 7.03 -26.02
N GLU A 223 4.79 7.22 -27.09
CA GLU A 223 4.95 8.35 -27.99
C GLU A 223 3.64 9.13 -28.08
N PRO A 224 3.70 10.45 -28.27
CA PRO A 224 2.47 11.22 -28.47
C PRO A 224 1.83 10.91 -29.83
N LYS A 225 0.59 11.35 -29.97
CA LYS A 225 -0.20 11.12 -31.18
C LYS A 225 -0.26 9.65 -31.56
N ILE B 2 -10.45 -6.95 23.40
CA ILE B 2 -9.80 -5.69 23.85
C ILE B 2 -9.57 -4.78 22.64
N VAL B 3 -10.61 -4.06 22.22
CA VAL B 3 -10.48 -3.15 21.04
C VAL B 3 -9.53 -2.00 21.39
N LEU B 4 -8.61 -1.67 20.49
CA LEU B 4 -7.64 -0.57 20.72
C LEU B 4 -7.93 0.56 19.73
N THR B 5 -8.08 1.79 20.23
CA THR B 5 -8.37 2.96 19.36
C THR B 5 -7.21 3.94 19.41
N GLN B 6 -6.55 4.16 18.27
CA GLN B 6 -5.43 5.08 18.21
C GLN B 6 -5.91 6.47 17.76
N SER B 7 -5.14 7.48 18.14
CA SER B 7 -5.50 8.86 17.85
C SER B 7 -4.22 9.69 17.77
N PRO B 8 -4.19 10.71 16.89
CA PRO B 8 -5.24 10.98 15.90
C PRO B 8 -5.14 10.04 14.70
N GLY B 9 -6.13 10.07 13.82
CA GLY B 9 -6.08 9.25 12.63
C GLY B 9 -4.87 9.57 11.76
N ILE B 10 -4.79 10.82 11.30
CA ILE B 10 -3.66 11.30 10.49
C ILE B 10 -3.05 12.48 11.21
N LEU B 11 -1.76 12.39 11.52
CA LEU B 11 -1.03 13.46 12.18
C LEU B 11 -0.11 14.13 11.16
N SER B 12 -0.28 15.43 10.97
CA SER B 12 0.45 16.19 9.97
C SER B 12 1.35 17.19 10.71
N LEU B 13 2.64 16.88 10.76
CA LEU B 13 3.61 17.72 11.47
C LEU B 13 4.81 17.97 10.56
N SER B 14 5.68 18.88 11.01
CA SER B 14 6.89 19.21 10.28
C SER B 14 8.10 18.59 10.98
N PRO B 15 9.16 18.28 10.22
CA PRO B 15 10.39 17.77 10.84
C PRO B 15 10.99 18.80 11.78
N GLY B 16 11.17 18.40 13.04
CA GLY B 16 11.65 19.27 14.09
C GLY B 16 10.66 19.49 15.22
N GLU B 17 9.38 19.23 14.98
CA GLU B 17 8.37 19.31 16.02
C GLU B 17 8.28 17.99 16.77
N ARG B 18 7.48 17.95 17.83
CA ARG B 18 7.29 16.75 18.63
C ARG B 18 5.94 16.12 18.29
N ALA B 19 5.90 14.79 18.29
CA ALA B 19 4.70 14.05 17.93
C ALA B 19 4.19 13.28 19.15
N THR B 20 2.88 13.36 19.38
CA THR B 20 2.22 12.63 20.45
C THR B 20 1.14 11.75 19.85
N LEU B 21 1.19 10.45 20.16
CA LEU B 21 0.27 9.46 19.60
C LEU B 21 -0.37 8.70 20.76
N SER B 22 -1.70 8.68 20.79
CA SER B 22 -2.41 8.05 21.90
C SER B 22 -3.03 6.73 21.46
N CYS B 23 -3.05 5.78 22.40
CA CYS B 23 -3.62 4.45 22.21
C CYS B 23 -4.51 4.17 23.42
N ARG B 24 -5.83 4.18 23.20
CA ARG B 24 -6.80 3.99 24.27
C ARG B 24 -7.49 2.64 24.10
N ALA B 25 -7.46 1.82 25.15
CA ALA B 25 -8.08 0.51 25.11
C ALA B 25 -9.44 0.53 25.79
N SER B 26 -10.17 -0.57 25.63
CA SER B 26 -11.46 -0.74 26.28
C SER B 26 -11.37 -1.63 27.53
N ARG B 27 -10.17 -1.88 28.02
CA ARG B 27 -10.01 -2.74 29.21
C ARG B 27 -8.72 -2.35 29.93
N THR B 28 -8.05 -3.34 30.50
CA THR B 28 -6.94 -3.10 31.44
C THR B 28 -5.56 -3.29 30.84
N ILE B 29 -5.41 -4.14 29.81
CA ILE B 29 -4.12 -4.47 29.24
C ILE B 29 -3.17 -4.97 30.32
N SER B 30 -3.66 -5.88 31.17
CA SER B 30 -2.88 -6.55 32.20
C SER B 30 -1.93 -5.60 32.94
N ARG B 31 -0.63 -5.76 32.69
CA ARG B 31 0.40 -4.94 33.32
C ARG B 31 1.71 -5.07 32.56
N THR B 32 2.14 -3.99 31.91
CA THR B 32 3.37 -3.95 31.11
C THR B 32 3.31 -5.02 30.01
N HIS B 33 2.35 -4.85 29.11
CA HIS B 33 2.13 -5.78 28.00
C HIS B 33 1.69 -5.02 26.76
N LEU B 34 2.29 -3.87 26.50
CA LEU B 34 1.97 -3.08 25.32
C LEU B 34 3.24 -2.82 24.51
N ALA B 35 3.08 -2.76 23.18
CA ALA B 35 4.19 -2.55 22.28
C ALA B 35 3.79 -1.54 21.22
N TRP B 36 4.80 -0.82 20.71
CA TRP B 36 4.64 0.16 19.65
C TRP B 36 5.56 -0.24 18.50
N TYR B 37 4.97 -0.40 17.32
CA TYR B 37 5.68 -0.73 16.09
C TYR B 37 5.53 0.41 15.10
N GLN B 38 6.55 0.59 14.25
CA GLN B 38 6.47 1.50 13.12
C GLN B 38 6.50 0.71 11.82
N GLN B 39 5.83 1.24 10.81
CA GLN B 39 5.78 0.60 9.50
C GLN B 39 5.79 1.69 8.44
N LYS B 40 6.72 1.58 7.51
CA LYS B 40 6.99 2.31 6.29
C LYS B 40 6.44 1.53 5.09
N PRO B 41 6.02 2.23 4.04
CA PRO B 41 5.35 1.54 2.92
C PRO B 41 6.27 0.52 2.27
N GLY B 42 5.78 -0.72 2.16
CA GLY B 42 6.53 -1.78 1.55
C GLY B 42 7.49 -2.51 2.47
N GLN B 43 7.37 -2.36 3.78
CA GLN B 43 8.26 -2.99 4.72
C GLN B 43 7.45 -3.66 5.83
N ALA B 44 8.12 -4.55 6.56
CA ALA B 44 7.53 -5.19 7.73
C ALA B 44 7.57 -4.24 8.92
N PRO B 45 6.69 -4.44 9.90
CA PRO B 45 6.69 -3.56 11.08
C PRO B 45 7.95 -3.73 11.92
N ARG B 46 8.49 -2.61 12.38
CA ARG B 46 9.65 -2.58 13.26
C ARG B 46 9.20 -2.28 14.68
N LEU B 47 9.55 -3.16 15.61
CA LEU B 47 9.23 -2.93 17.01
C LEU B 47 10.01 -1.72 17.53
N LEU B 48 9.28 -0.68 17.92
CA LEU B 48 9.90 0.51 18.49
C LEU B 48 10.02 0.42 20.01
N ILE B 49 8.95 0.02 20.69
CA ILE B 49 8.92 0.01 22.14
C ILE B 49 8.21 -1.24 22.62
N TYR B 50 8.80 -1.93 23.60
CA TYR B 50 8.28 -3.19 24.10
C TYR B 50 7.95 -3.06 25.59
N GLY B 51 6.78 -3.55 25.99
CA GLY B 51 6.38 -3.49 27.38
C GLY B 51 6.14 -2.09 27.88
N VAL B 52 5.30 -1.34 27.17
CA VAL B 52 4.86 0.01 27.54
C VAL B 52 6.04 0.99 27.55
N SER B 53 6.97 0.80 28.49
CA SER B 53 8.05 1.75 28.72
C SER B 53 9.36 1.33 28.07
N SER B 54 9.74 0.06 28.18
CA SER B 54 11.06 -0.37 27.74
C SER B 54 11.23 -0.18 26.24
N ARG B 55 12.38 0.36 25.86
CA ARG B 55 12.68 0.61 24.45
C ARG B 55 13.21 -0.66 23.79
N ALA B 56 13.35 -0.59 22.47
CA ALA B 56 13.90 -1.68 21.67
C ALA B 56 15.29 -1.30 21.16
N ILE B 57 16.04 -2.32 20.74
CA ILE B 57 17.40 -2.11 20.26
C ILE B 57 17.38 -1.29 18.98
N GLY B 58 18.36 -0.39 18.84
CA GLY B 58 18.45 0.45 17.67
C GLY B 58 17.47 1.60 17.65
N ILE B 59 16.48 1.61 18.52
CA ILE B 59 15.49 2.68 18.59
C ILE B 59 16.13 3.87 19.30
N PRO B 60 16.19 5.04 18.66
CA PRO B 60 16.84 6.20 19.29
C PRO B 60 16.07 6.66 20.53
N ASP B 61 16.69 7.61 21.24
CA ASP B 61 16.11 8.14 22.46
C ASP B 61 14.93 9.07 22.22
N ARG B 62 14.72 9.50 20.97
CA ARG B 62 13.59 10.36 20.66
C ARG B 62 12.26 9.66 20.89
N PHE B 63 12.21 8.34 20.70
CA PHE B 63 11.00 7.58 20.92
C PHE B 63 10.85 7.24 22.39
N SER B 64 9.67 7.50 22.95
CA SER B 64 9.41 7.26 24.37
C SER B 64 7.99 6.75 24.54
N GLY B 65 7.82 5.71 25.34
CA GLY B 65 6.52 5.12 25.62
C GLY B 65 6.12 5.38 27.06
N SER B 66 4.86 5.79 27.25
CA SER B 66 4.37 6.11 28.58
C SER B 66 2.90 5.74 28.67
N GLY B 67 2.35 5.89 29.87
CA GLY B 67 0.96 5.58 30.13
C GLY B 67 0.79 4.21 30.78
N SER B 68 -0.45 3.92 31.16
CA SER B 68 -0.75 2.67 31.85
C SER B 68 -2.27 2.54 31.99
N GLY B 69 -2.72 1.30 32.10
CA GLY B 69 -4.15 1.01 32.25
C GLY B 69 -4.84 0.89 30.89
N ALA B 70 -5.62 1.91 30.55
CA ALA B 70 -6.32 1.96 29.27
C ALA B 70 -5.86 3.10 28.38
N ASP B 71 -4.94 3.93 28.86
CA ASP B 71 -4.42 5.06 28.09
C ASP B 71 -2.91 4.96 28.01
N PHE B 72 -2.38 4.95 26.77
CA PHE B 72 -0.94 4.88 26.55
C PHE B 72 -0.56 5.89 25.48
N THR B 73 0.72 6.27 25.46
CA THR B 73 1.19 7.29 24.54
C THR B 73 2.58 6.95 24.03
N LEU B 74 2.79 7.19 22.73
CA LEU B 74 4.09 7.17 22.10
C LEU B 74 4.47 8.59 21.72
N THR B 75 5.65 9.04 22.15
CA THR B 75 6.11 10.40 21.92
C THR B 75 7.41 10.39 21.14
N ILE B 76 7.47 11.21 20.11
CA ILE B 76 8.68 11.45 19.34
C ILE B 76 9.16 12.87 19.67
N SER B 77 10.35 12.96 20.26
CA SER B 77 10.84 14.24 20.78
C SER B 77 11.00 15.26 19.66
N ARG B 78 11.83 14.94 18.67
CA ARG B 78 12.04 15.82 17.52
C ARG B 78 11.93 14.99 16.26
N LEU B 79 10.93 15.31 15.44
CA LEU B 79 10.66 14.53 14.24
C LEU B 79 11.76 14.74 13.20
N GLU B 80 12.28 13.64 12.69
CA GLU B 80 13.19 13.62 11.56
C GLU B 80 12.48 13.04 10.35
N PRO B 81 12.96 13.31 9.13
CA PRO B 81 12.28 12.79 7.94
C PRO B 81 12.08 11.29 7.94
N GLU B 82 12.96 10.53 8.59
CA GLU B 82 12.84 9.09 8.65
C GLU B 82 11.81 8.61 9.66
N ASP B 83 11.14 9.52 10.37
CA ASP B 83 10.15 9.15 11.37
C ASP B 83 8.72 9.17 10.85
N PHE B 84 8.49 9.65 9.64
CA PHE B 84 7.13 9.78 9.12
C PHE B 84 6.69 8.45 8.51
N ALA B 85 5.72 7.81 9.17
CA ALA B 85 5.20 6.51 8.75
C ALA B 85 3.89 6.21 9.47
N VAL B 86 3.52 4.92 9.55
CA VAL B 86 2.35 4.49 10.29
C VAL B 86 2.84 3.84 11.58
N TYR B 87 2.08 4.04 12.67
CA TYR B 87 2.47 3.53 13.98
C TYR B 87 1.32 2.74 14.58
N TYR B 88 1.64 1.56 15.10
CA TYR B 88 0.65 0.65 15.67
C TYR B 88 0.96 0.37 17.13
N CYS B 89 -0.08 0.32 17.95
CA CYS B 89 0.02 -0.19 19.32
C CYS B 89 -0.59 -1.59 19.37
N HIS B 90 0.00 -2.43 20.23
CA HIS B 90 -0.31 -3.86 20.24
C HIS B 90 -0.22 -4.39 21.65
N GLN B 91 -1.34 -4.88 22.18
CA GLN B 91 -1.36 -5.55 23.48
C GLN B 91 -1.26 -7.06 23.27
N TYR B 92 -0.54 -7.72 24.16
CA TYR B 92 -0.27 -9.15 24.05
C TYR B 92 -0.39 -9.86 25.39
N GLY B 93 -1.24 -9.35 26.27
CA GLY B 93 -1.36 -9.89 27.62
C GLY B 93 -2.72 -10.46 27.95
N ASN B 94 -2.77 -11.79 28.14
CA ASN B 94 -3.97 -12.49 28.60
C ASN B 94 -5.19 -12.12 27.75
N SER B 95 -5.01 -12.17 26.43
CA SER B 95 -6.05 -11.73 25.50
C SER B 95 -5.83 -12.41 24.15
N PRO B 96 -6.75 -12.24 23.18
CA PRO B 96 -6.47 -12.70 21.82
C PRO B 96 -5.54 -11.77 21.06
N GLN B 97 -4.66 -11.06 21.78
CA GLN B 97 -3.64 -10.18 21.21
C GLN B 97 -4.16 -9.26 20.10
N THR B 98 -4.60 -8.06 20.45
CA THR B 98 -5.19 -7.15 19.49
C THR B 98 -4.23 -6.05 19.08
N PHE B 99 -4.57 -5.38 17.98
CA PHE B 99 -3.78 -4.28 17.45
C PHE B 99 -4.64 -3.02 17.35
N GLY B 100 -3.97 -1.88 17.18
CA GLY B 100 -4.66 -0.65 16.86
C GLY B 100 -4.73 -0.42 15.36
N GLN B 101 -5.61 0.49 14.95
CA GLN B 101 -5.78 0.71 13.52
C GLN B 101 -4.64 1.52 12.90
N GLY B 102 -3.79 2.13 13.71
CA GLY B 102 -2.65 2.85 13.19
C GLY B 102 -2.90 4.33 13.01
N THR B 103 -1.82 5.11 13.10
CA THR B 103 -1.86 6.54 12.88
C THR B 103 -0.82 6.91 11.83
N LYS B 104 -1.21 7.77 10.90
CA LYS B 104 -0.36 8.16 9.79
C LYS B 104 0.34 9.48 10.11
N LEU B 105 1.67 9.44 10.16
CA LEU B 105 2.49 10.63 10.37
C LEU B 105 2.94 11.13 8.99
N GLU B 106 2.24 12.13 8.47
CA GLU B 106 2.59 12.73 7.19
C GLU B 106 3.27 14.07 7.42
N ILE B 107 4.16 14.42 6.49
CA ILE B 107 4.85 15.71 6.57
C ILE B 107 3.89 16.81 6.19
N LYS B 108 3.69 17.78 7.10
CA LYS B 108 2.89 18.94 6.78
C LYS B 108 3.66 19.86 5.84
N ARG B 109 2.96 20.39 4.83
CA ARG B 109 3.59 21.28 3.87
C ARG B 109 2.55 22.27 3.34
N THR B 110 3.04 23.23 2.56
CA THR B 110 2.17 24.22 1.93
C THR B 110 1.14 23.53 1.05
N VAL B 111 -0.11 24.02 1.12
CA VAL B 111 -1.17 23.51 0.27
C VAL B 111 -0.78 23.67 -1.19
N ALA B 112 -0.78 22.56 -1.92
CA ALA B 112 -0.38 22.55 -3.32
C ALA B 112 -1.51 21.96 -4.16
N ALA B 113 -1.85 22.65 -5.25
CA ALA B 113 -2.94 22.19 -6.10
C ALA B 113 -2.42 21.17 -7.11
N PRO B 114 -3.27 20.24 -7.54
CA PRO B 114 -2.82 19.20 -8.46
C PRO B 114 -2.64 19.72 -9.87
N SER B 115 -1.77 19.04 -10.62
CA SER B 115 -1.70 19.21 -12.06
C SER B 115 -2.55 18.11 -12.70
N VAL B 116 -3.58 18.52 -13.44
CA VAL B 116 -4.58 17.57 -13.93
C VAL B 116 -4.31 17.29 -15.40
N PHE B 117 -4.09 16.01 -15.72
CA PHE B 117 -3.91 15.53 -17.08
C PHE B 117 -4.94 14.45 -17.37
N ILE B 118 -5.23 14.25 -18.65
CA ILE B 118 -6.16 13.21 -19.09
C ILE B 118 -5.54 12.44 -20.24
N PHE B 119 -5.77 11.13 -20.25
CA PHE B 119 -5.19 10.24 -21.25
C PHE B 119 -6.33 9.43 -21.88
N PRO B 120 -6.52 9.52 -23.19
CA PRO B 120 -7.54 8.72 -23.86
C PRO B 120 -7.10 7.29 -23.99
N PRO B 121 -8.00 6.36 -24.32
CA PRO B 121 -7.58 4.98 -24.57
C PRO B 121 -6.67 4.88 -25.77
N SER B 122 -5.78 3.89 -25.73
CA SER B 122 -4.90 3.63 -26.86
C SER B 122 -5.65 2.84 -27.92
N ASP B 123 -5.24 3.02 -29.18
CA ASP B 123 -5.87 2.30 -30.28
C ASP B 123 -5.68 0.79 -30.15
N GLU B 124 -4.58 0.37 -29.53
CA GLU B 124 -4.38 -1.05 -29.29
C GLU B 124 -5.47 -1.61 -28.37
N GLN B 125 -5.75 -0.92 -27.26
CA GLN B 125 -6.78 -1.38 -26.35
C GLN B 125 -8.15 -1.35 -27.01
N LEU B 126 -8.42 -0.32 -27.82
CA LEU B 126 -9.67 -0.26 -28.56
C LEU B 126 -9.81 -1.47 -29.47
N LYS B 127 -8.73 -1.83 -30.17
CA LYS B 127 -8.73 -3.05 -30.97
C LYS B 127 -8.93 -4.29 -30.09
N SER B 128 -8.52 -4.23 -28.82
CA SER B 128 -8.70 -5.36 -27.94
C SER B 128 -10.17 -5.54 -27.55
N GLY B 129 -10.93 -4.45 -27.46
CA GLY B 129 -12.36 -4.55 -27.21
C GLY B 129 -12.88 -3.69 -26.08
N THR B 130 -11.99 -3.20 -25.24
CA THR B 130 -12.37 -2.34 -24.12
C THR B 130 -11.77 -0.95 -24.32
N ALA B 131 -12.06 -0.04 -23.39
CA ALA B 131 -11.53 1.31 -23.46
C ALA B 131 -11.34 1.85 -22.05
N SER B 132 -10.17 2.41 -21.79
CA SER B 132 -9.84 2.98 -20.49
C SER B 132 -9.43 4.43 -20.67
N VAL B 133 -10.03 5.32 -19.90
CA VAL B 133 -9.67 6.74 -19.88
C VAL B 133 -9.08 7.05 -18.51
N VAL B 134 -7.87 7.59 -18.49
CA VAL B 134 -7.13 7.81 -17.26
C VAL B 134 -7.06 9.30 -16.96
N CYS B 135 -7.24 9.65 -15.69
CA CYS B 135 -7.10 11.03 -15.23
C CYS B 135 -6.04 11.06 -14.12
N LEU B 136 -5.08 11.98 -14.25
CA LEU B 136 -3.94 12.06 -13.34
C LEU B 136 -3.97 13.41 -12.62
N LEU B 137 -4.00 13.37 -11.30
CA LEU B 137 -3.77 14.54 -10.45
C LEU B 137 -2.37 14.40 -9.88
N ASN B 138 -1.48 15.31 -10.26
CA ASN B 138 -0.06 15.17 -9.98
C ASN B 138 0.38 16.19 -8.94
N ASN B 139 1.02 15.68 -7.87
CA ASN B 139 1.77 16.47 -6.89
C ASN B 139 0.90 17.57 -6.28
N PHE B 140 0.00 17.12 -5.40
CA PHE B 140 -0.87 18.01 -4.65
C PHE B 140 -0.77 17.71 -3.15
N TYR B 141 -1.25 18.67 -2.36
CA TYR B 141 -1.35 18.53 -0.91
C TYR B 141 -2.41 19.49 -0.42
N PRO B 142 -3.27 19.08 0.52
CA PRO B 142 -3.26 17.79 1.20
C PRO B 142 -3.81 16.62 0.39
N ARG B 143 -3.83 15.44 1.00
CA ARG B 143 -4.16 14.23 0.27
C ARG B 143 -5.60 14.22 -0.22
N GLU B 144 -6.51 14.89 0.50
CA GLU B 144 -7.92 14.85 0.16
C GLU B 144 -8.17 15.54 -1.19
N ALA B 145 -8.83 14.83 -2.09
CA ALA B 145 -9.17 15.35 -3.41
C ALA B 145 -10.32 14.54 -3.97
N LYS B 146 -11.04 15.12 -4.92
CA LYS B 146 -12.25 14.50 -5.46
C LYS B 146 -12.23 14.58 -6.98
N VAL B 147 -12.53 13.47 -7.65
CA VAL B 147 -12.63 13.45 -9.11
C VAL B 147 -14.01 12.93 -9.51
N GLN B 148 -14.49 13.42 -10.65
CA GLN B 148 -15.78 13.03 -11.21
C GLN B 148 -15.66 12.92 -12.71
N TRP B 149 -16.09 11.81 -13.28
CA TRP B 149 -16.06 11.61 -14.72
C TRP B 149 -17.36 12.09 -15.35
N LYS B 150 -17.25 12.62 -16.57
CA LYS B 150 -18.42 13.06 -17.32
C LYS B 150 -18.23 12.67 -18.77
N VAL B 151 -19.12 11.82 -19.27
CA VAL B 151 -19.14 11.41 -20.68
C VAL B 151 -20.33 12.10 -21.33
N ASP B 152 -20.04 13.06 -22.22
CA ASP B 152 -21.07 13.88 -22.85
C ASP B 152 -21.94 14.55 -21.81
N ASN B 153 -21.30 15.10 -20.78
CA ASN B 153 -21.95 15.78 -19.65
C ASN B 153 -22.88 14.86 -18.88
N ALA B 154 -22.65 13.55 -18.93
CA ALA B 154 -23.36 12.60 -18.09
C ALA B 154 -22.42 12.12 -16.99
N LEU B 155 -22.79 12.39 -15.74
CA LEU B 155 -21.96 12.01 -14.61
C LEU B 155 -21.82 10.48 -14.55
N GLN B 156 -20.58 10.02 -14.37
CA GLN B 156 -20.29 8.60 -14.28
C GLN B 156 -20.20 8.20 -12.82
N SER B 157 -20.90 7.12 -12.45
CA SER B 157 -20.97 6.66 -11.07
C SER B 157 -20.73 5.16 -11.03
N GLY B 158 -19.74 4.74 -10.26
CA GLY B 158 -19.49 3.33 -10.02
C GLY B 158 -18.72 2.61 -11.10
N ASN B 159 -18.31 3.30 -12.16
CA ASN B 159 -17.56 2.68 -13.25
C ASN B 159 -16.14 3.22 -13.35
N SER B 160 -15.58 3.67 -12.22
CA SER B 160 -14.22 4.19 -12.18
C SER B 160 -13.56 3.72 -10.89
N GLN B 161 -12.23 3.74 -10.89
CA GLN B 161 -11.45 3.35 -9.72
C GLN B 161 -10.25 4.27 -9.55
N GLU B 162 -9.95 4.62 -8.30
CA GLU B 162 -8.88 5.55 -7.97
C GLU B 162 -7.72 4.84 -7.30
N SER B 163 -6.56 5.48 -7.34
CA SER B 163 -5.38 5.02 -6.62
C SER B 163 -4.54 6.23 -6.25
N VAL B 164 -3.93 6.21 -5.06
CA VAL B 164 -3.14 7.32 -4.55
C VAL B 164 -1.74 6.83 -4.22
N THR B 165 -0.74 7.63 -4.54
CA THR B 165 0.64 7.31 -4.19
C THR B 165 0.88 7.61 -2.70
N GLU B 166 1.91 6.96 -2.16
CA GLU B 166 2.40 7.36 -0.85
C GLU B 166 3.00 8.76 -0.94
N GLN B 167 3.13 9.41 0.21
CA GLN B 167 3.64 10.77 0.20
C GLN B 167 5.07 10.79 -0.33
N ASP B 168 5.32 11.68 -1.29
CA ASP B 168 6.60 11.72 -1.98
C ASP B 168 7.71 12.15 -1.02
N SER B 169 8.84 11.44 -1.06
CA SER B 169 9.92 11.67 -0.11
C SER B 169 10.61 13.01 -0.33
N LYS B 170 10.41 13.66 -1.47
CA LYS B 170 11.09 14.92 -1.78
C LYS B 170 10.19 16.13 -1.52
N ASP B 171 9.08 16.25 -2.25
CA ASP B 171 8.21 17.42 -2.12
C ASP B 171 7.00 17.17 -1.23
N SER B 172 6.90 15.99 -0.62
CA SER B 172 5.87 15.68 0.37
C SER B 172 4.45 15.87 -0.19
N THR B 173 4.27 15.64 -1.49
CA THR B 173 2.97 15.74 -2.11
C THR B 173 2.37 14.36 -2.33
N TYR B 174 1.14 14.33 -2.81
CA TYR B 174 0.46 13.11 -3.21
C TYR B 174 0.09 13.18 -4.67
N SER B 175 -0.13 12.01 -5.27
CA SER B 175 -0.61 11.89 -6.64
C SER B 175 -1.71 10.85 -6.69
N LEU B 176 -2.65 11.05 -7.61
CA LEU B 176 -3.81 10.18 -7.75
C LEU B 176 -4.04 9.89 -9.22
N SER B 177 -4.47 8.67 -9.51
CA SER B 177 -4.88 8.29 -10.86
C SER B 177 -6.23 7.60 -10.79
N SER B 178 -7.14 8.04 -11.65
CA SER B 178 -8.49 7.49 -11.73
C SER B 178 -8.72 6.92 -13.12
N THR B 179 -9.14 5.67 -13.19
CA THR B 179 -9.41 5.00 -14.44
C THR B 179 -10.91 4.81 -14.60
N LEU B 180 -11.44 5.29 -15.73
CA LEU B 180 -12.82 5.06 -16.14
C LEU B 180 -12.83 4.02 -17.24
N THR B 181 -13.65 2.98 -17.07
CA THR B 181 -13.66 1.83 -17.96
C THR B 181 -14.97 1.77 -18.72
N LEU B 182 -14.89 1.86 -20.05
CA LEU B 182 -16.03 1.72 -20.93
C LEU B 182 -15.81 0.56 -21.88
N SER B 183 -16.90 0.11 -22.50
CA SER B 183 -16.78 -0.79 -23.63
C SER B 183 -16.42 0.01 -24.88
N LYS B 184 -15.89 -0.70 -25.88
CA LYS B 184 -15.53 -0.05 -27.14
C LYS B 184 -16.76 0.57 -27.79
N ALA B 185 -17.90 -0.14 -27.75
CA ALA B 185 -19.13 0.40 -28.32
C ALA B 185 -19.58 1.66 -27.61
N ASP B 186 -19.67 1.60 -26.28
CA ASP B 186 -20.04 2.78 -25.50
C ASP B 186 -19.06 3.92 -25.75
N TYR B 187 -17.76 3.60 -25.85
CA TYR B 187 -16.77 4.65 -26.10
C TYR B 187 -16.99 5.31 -27.44
N GLU B 188 -17.34 4.53 -28.46
CA GLU B 188 -17.56 5.11 -29.78
C GLU B 188 -18.95 5.72 -29.95
N LYS B 189 -19.85 5.52 -28.98
CA LYS B 189 -21.16 6.15 -29.03
C LYS B 189 -21.13 7.62 -28.61
N HIS B 190 -20.09 8.06 -27.92
CA HIS B 190 -20.02 9.39 -27.34
C HIS B 190 -18.76 10.10 -27.85
N LYS B 191 -18.56 11.34 -27.40
CA LYS B 191 -17.44 12.14 -27.87
C LYS B 191 -16.67 12.86 -26.76
N VAL B 192 -17.38 13.60 -25.91
CA VAL B 192 -16.75 14.45 -24.91
C VAL B 192 -16.48 13.62 -23.64
N TYR B 193 -15.21 13.48 -23.29
CA TYR B 193 -14.80 12.77 -22.09
C TYR B 193 -14.04 13.75 -21.20
N ALA B 194 -14.57 14.00 -19.99
CA ALA B 194 -14.07 15.04 -19.11
C ALA B 194 -13.83 14.48 -17.72
N CYS B 195 -12.77 14.98 -17.10
CA CYS B 195 -12.42 14.67 -15.72
C CYS B 195 -12.46 15.96 -14.92
N GLU B 196 -13.34 16.03 -13.92
CA GLU B 196 -13.54 17.21 -13.11
C GLU B 196 -12.90 16.98 -11.74
N VAL B 197 -12.10 17.94 -11.29
CA VAL B 197 -11.24 17.77 -10.13
C VAL B 197 -11.54 18.88 -9.12
N THR B 198 -11.66 18.49 -7.85
CA THR B 198 -11.88 19.39 -6.73
C THR B 198 -10.79 19.15 -5.69
N HIS B 199 -10.13 20.24 -5.27
CA HIS B 199 -9.08 20.19 -4.28
C HIS B 199 -9.00 21.54 -3.59
N GLN B 200 -8.50 21.54 -2.34
CA GLN B 200 -8.47 22.77 -1.55
C GLN B 200 -7.61 23.84 -2.21
N GLY B 201 -6.48 23.43 -2.80
CA GLY B 201 -5.60 24.38 -3.45
C GLY B 201 -6.12 24.96 -4.75
N LEU B 202 -7.30 24.56 -5.20
CA LEU B 202 -7.88 25.02 -6.46
C LEU B 202 -8.93 26.08 -6.17
N SER B 203 -8.74 27.28 -6.75
CA SER B 203 -9.77 28.30 -6.64
C SER B 203 -11.04 27.91 -7.39
N SER B 204 -10.89 27.13 -8.46
CA SER B 204 -11.99 26.65 -9.26
C SER B 204 -11.82 25.16 -9.53
N PRO B 205 -12.92 24.41 -9.58
CA PRO B 205 -12.85 23.03 -10.05
C PRO B 205 -12.27 22.98 -11.46
N VAL B 206 -11.35 22.04 -11.68
CA VAL B 206 -10.58 21.99 -12.92
C VAL B 206 -11.09 20.84 -13.78
N THR B 207 -11.45 21.15 -15.03
CA THR B 207 -11.94 20.15 -15.96
C THR B 207 -10.93 19.92 -17.07
N LYS B 208 -10.48 18.67 -17.21
CA LYS B 208 -9.61 18.26 -18.31
C LYS B 208 -10.38 17.32 -19.21
N SER B 209 -10.65 17.74 -20.44
CA SER B 209 -11.55 17.02 -21.32
C SER B 209 -10.92 16.83 -22.70
N PHE B 210 -11.51 15.92 -23.47
CA PHE B 210 -11.12 15.74 -24.86
C PHE B 210 -12.30 15.20 -25.67
N ASN B 211 -12.17 15.29 -26.98
CA ASN B 211 -13.14 14.75 -27.92
C ASN B 211 -12.48 13.64 -28.73
N ARG B 212 -13.28 12.64 -29.11
CA ARG B 212 -12.77 11.58 -29.96
C ARG B 212 -12.36 12.13 -31.32
N GLY B 213 -11.08 11.98 -31.66
CA GLY B 213 -10.55 12.50 -32.90
C GLY B 213 -9.49 13.56 -32.69
#